data_3W0U
#
_entry.id   3W0U
#
_cell.length_a   86.170
_cell.length_b   67.380
_cell.length_c   68.480
_cell.angle_alpha   90.000
_cell.angle_beta   90.000
_cell.angle_gamma   90.000
#
_symmetry.space_group_name_H-M   'P 21 21 2'
#
loop_
_entity.id
_entity.type
_entity.pdbx_description
1 polymer 'Lactoylglutathione lyase'
2 non-polymer 'ZINC ION'
3 non-polymer N-[3-(1-Hydroxy-6-oxo-4-phenyl-1,6-dihydro-pyridin-2-yl)-5-methanesulfonylamino-phenyl]-methanesulfonamide
4 water water
#
_entity_poly.entity_id   1
_entity_poly.type   'polypeptide(L)'
_entity_poly.pdbx_seq_one_letter_code
;GSHMAEPQPPSGGLTDEAALSCCSDADPSTKDFLLQQTMLRVKDPKKSLDFYTRVLGMTLIQKCDFPIMKFSLYFLAYED
KNDIPKEKDEKIAWALSRKATLELTHNWGTEDDETQSYHNGNSDPRGFGHIGIAVPDVYSACKRFEELGVKFVKKPDDGK
MKGLAFIQDPDGYWIEILNPNKMATLM
;
_entity_poly.pdbx_strand_id   A,B
#
# COMPACT_ATOMS: atom_id res chain seq x y z
N GLY A 12 9.82 -13.19 22.47
CA GLY A 12 10.43 -11.90 22.00
C GLY A 12 9.39 -10.89 21.54
N GLY A 13 8.30 -11.35 20.97
CA GLY A 13 7.27 -10.44 20.49
C GLY A 13 6.29 -10.05 21.58
N LEU A 14 5.38 -9.12 21.27
CA LEU A 14 4.34 -8.73 22.19
C LEU A 14 3.32 -9.84 22.37
N THR A 15 2.82 -9.96 23.59
CA THR A 15 1.63 -10.76 23.86
C THR A 15 0.43 -10.08 23.22
N ASP A 16 -0.65 -10.84 23.01
CA ASP A 16 -1.91 -10.29 22.49
C ASP A 16 -2.43 -9.15 23.36
N GLU A 17 -2.26 -9.33 24.67
CA GLU A 17 -2.74 -8.36 25.67
C GLU A 17 -1.92 -7.09 25.64
N ALA A 18 -0.60 -7.25 25.58
CA ALA A 18 0.33 -6.11 25.48
C ALA A 18 0.07 -5.31 24.21
N ALA A 19 -0.18 -6.02 23.11
CA ALA A 19 -0.54 -5.39 21.84
C ALA A 19 -1.81 -4.57 21.96
N LEU A 20 -2.88 -5.17 22.50
CA LEU A 20 -4.14 -4.44 22.65
C LEU A 20 -4.04 -3.25 23.62
N SER A 21 -3.11 -3.33 24.56
CA SER A 21 -2.89 -2.22 25.51
C SER A 21 -2.32 -0.97 24.85
N CYS A 22 -1.72 -1.15 23.68
CA CYS A 22 -1.24 -0.02 22.86
C CYS A 22 -2.25 0.45 21.86
N CYS A 23 -3.41 -0.23 21.78
CA CYS A 23 -4.45 0.17 20.84
C CYS A 23 -5.49 1.06 21.50
N SER A 24 -5.78 2.18 20.86
CA SER A 24 -6.90 3.03 21.27
C SER A 24 -8.09 2.84 20.32
N ASP A 25 -9.30 3.01 20.84
CA ASP A 25 -10.47 2.99 19.97
C ASP A 25 -10.43 4.17 19.00
N ALA A 26 -10.93 3.95 17.80
CA ALA A 26 -10.89 4.94 16.74
C ALA A 26 -11.67 6.21 17.12
N ASP A 27 -10.99 7.36 17.09
CA ASP A 27 -11.64 8.64 17.34
C ASP A 27 -12.70 8.91 16.28
N PRO A 28 -13.91 9.34 16.69
CA PRO A 28 -14.98 9.69 15.77
C PRO A 28 -14.61 10.72 14.69
N SER A 29 -13.64 11.59 14.96
CA SER A 29 -13.17 12.53 13.94
C SER A 29 -12.52 11.83 12.74
N THR A 30 -12.14 10.56 12.93
CA THR A 30 -11.48 9.77 11.88
C THR A 30 -12.43 8.81 11.13
N LYS A 31 -13.72 8.86 11.43
CA LYS A 31 -14.63 7.76 11.05
C LYS A 31 -14.84 7.58 9.54
N ASP A 32 -14.61 8.62 8.75
CA ASP A 32 -14.69 8.54 7.30
C ASP A 32 -13.34 8.47 6.59
N PHE A 33 -12.25 8.36 7.36
CA PHE A 33 -10.91 8.19 6.78
C PHE A 33 -10.86 6.85 6.05
N LEU A 34 -10.09 6.78 4.96
CA LEU A 34 -9.87 5.52 4.26
C LEU A 34 -8.43 5.43 3.73
N LEU A 35 -7.90 4.21 3.69
CA LEU A 35 -6.57 3.96 3.15
C LEU A 35 -6.67 3.91 1.63
N GLN A 36 -6.23 5.00 0.99
CA GLN A 36 -6.55 5.29 -0.41
C GLN A 36 -5.50 4.82 -1.42
N GLN A 37 -4.22 4.92 -1.05
CA GLN A 37 -3.15 4.72 -2.00
C GLN A 37 -1.85 4.19 -1.38
N THR A 38 -1.12 3.46 -2.20
CA THR A 38 0.26 3.08 -1.92
C THR A 38 1.05 3.55 -3.13
N MET A 39 2.06 4.40 -2.90
CA MET A 39 2.86 4.96 -3.99
C MET A 39 4.19 4.24 -4.17
N LEU A 40 4.45 3.80 -5.40
CA LEU A 40 5.71 3.20 -5.81
C LEU A 40 6.28 3.96 -7.02
N ARG A 41 7.56 4.31 -6.97
CA ARG A 41 8.23 4.89 -8.14
C ARG A 41 8.57 3.82 -9.18
N VAL A 42 8.29 4.12 -10.46
CA VAL A 42 8.49 3.16 -11.54
C VAL A 42 9.41 3.73 -12.62
N LYS A 43 10.39 2.92 -13.06
CA LYS A 43 11.42 3.36 -14.03
C LYS A 43 10.82 3.59 -15.43
N ASP A 44 10.01 2.64 -15.87
CA ASP A 44 9.37 2.64 -17.18
C ASP A 44 7.87 2.42 -17.04
N PRO A 45 7.07 3.49 -17.22
CA PRO A 45 5.63 3.39 -17.01
C PRO A 45 4.95 2.48 -18.04
N LYS A 46 5.52 2.38 -19.24
CA LYS A 46 4.97 1.49 -20.28
C LYS A 46 5.01 0.02 -19.82
N LYS A 47 6.15 -0.41 -19.28
CA LYS A 47 6.31 -1.77 -18.77
C LYS A 47 5.43 -2.01 -17.54
N SER A 48 5.39 -1.04 -16.61
CA SER A 48 4.52 -1.17 -15.43
C SER A 48 3.03 -1.22 -15.76
N LEU A 49 2.57 -0.37 -16.68
CA LEU A 49 1.16 -0.39 -17.05
C LEU A 49 0.79 -1.76 -17.65
N ASP A 50 1.64 -2.27 -18.53
CA ASP A 50 1.48 -3.61 -19.09
C ASP A 50 1.32 -4.66 -17.99
N PHE A 51 2.24 -4.65 -17.01
CA PHE A 51 2.24 -5.66 -15.95
C PHE A 51 0.97 -5.60 -15.10
N TYR A 52 0.64 -4.41 -14.61
CA TYR A 52 -0.46 -4.30 -13.66
C TYR A 52 -1.82 -4.54 -14.29
N THR A 53 -1.96 -4.21 -15.59
CA THR A 53 -3.24 -4.43 -16.28
C THR A 53 -3.35 -5.85 -16.89
N ARG A 54 -2.36 -6.24 -17.68
CA ARG A 54 -2.40 -7.52 -18.39
C ARG A 54 -2.12 -8.70 -17.45
N VAL A 55 -1.07 -8.60 -16.64
CA VAL A 55 -0.73 -9.69 -15.72
C VAL A 55 -1.69 -9.76 -14.52
N LEU A 56 -1.87 -8.63 -13.84
CA LEU A 56 -2.67 -8.60 -12.58
C LEU A 56 -4.16 -8.20 -12.72
N GLY A 57 -4.57 -7.74 -13.89
CA GLY A 57 -5.97 -7.38 -14.12
C GLY A 57 -6.48 -6.11 -13.46
N MET A 58 -5.57 -5.18 -13.13
CA MET A 58 -5.99 -3.88 -12.63
C MET A 58 -6.42 -2.96 -13.77
N THR A 59 -7.02 -1.84 -13.40
CA THR A 59 -7.50 -0.83 -14.35
C THR A 59 -6.82 0.52 -14.12
N LEU A 60 -6.37 1.16 -15.20
CA LEU A 60 -5.83 2.52 -15.11
C LEU A 60 -7.01 3.48 -14.95
N ILE A 61 -7.20 3.97 -13.72
CA ILE A 61 -8.38 4.79 -13.41
C ILE A 61 -8.14 6.30 -13.47
N GLN A 62 -6.88 6.72 -13.40
CA GLN A 62 -6.53 8.14 -13.44
C GLN A 62 -5.07 8.36 -13.83
N LYS A 63 -4.82 9.26 -14.77
CA LYS A 63 -3.47 9.70 -15.15
C LYS A 63 -3.37 11.19 -14.88
N CYS A 64 -2.29 11.62 -14.25
CA CYS A 64 -2.07 13.01 -13.87
C CYS A 64 -0.67 13.41 -14.30
N ASP A 65 -0.54 14.51 -15.04
CA ASP A 65 0.75 14.96 -15.56
C ASP A 65 1.13 16.31 -15.00
N PHE A 66 2.39 16.42 -14.58
CA PHE A 66 2.89 17.68 -13.99
C PHE A 66 4.12 18.15 -14.75
N PRO A 67 3.93 18.93 -15.84
CA PRO A 67 4.99 19.26 -16.79
C PRO A 67 6.15 20.09 -16.23
N ILE A 68 5.85 20.99 -15.29
CA ILE A 68 6.86 21.82 -14.62
C ILE A 68 7.74 20.99 -13.69
N MET A 69 7.12 20.06 -12.95
CA MET A 69 7.83 19.21 -12.01
C MET A 69 8.36 17.94 -12.67
N LYS A 70 8.01 17.76 -13.93
CA LYS A 70 8.54 16.67 -14.77
C LYS A 70 8.23 15.29 -14.19
N PHE A 71 6.98 15.09 -13.78
CA PHE A 71 6.52 13.74 -13.42
C PHE A 71 5.07 13.48 -13.78
N SER A 72 4.73 12.19 -13.89
CA SER A 72 3.36 11.77 -14.08
C SER A 72 2.99 10.75 -12.99
N LEU A 73 1.72 10.74 -12.62
CA LEU A 73 1.15 9.74 -11.70
C LEU A 73 0.16 8.84 -12.41
N TYR A 74 0.28 7.52 -12.19
CA TYR A 74 -0.66 6.55 -12.76
C TYR A 74 -1.37 5.84 -11.62
N PHE A 75 -2.68 6.04 -11.52
CA PHE A 75 -3.47 5.38 -10.50
C PHE A 75 -4.12 4.10 -11.01
N LEU A 76 -3.73 2.96 -10.41
CA LEU A 76 -4.26 1.66 -10.78
C LEU A 76 -5.13 1.12 -9.66
N ALA A 77 -6.22 0.44 -10.02
CA ALA A 77 -7.14 -0.11 -9.03
C ALA A 77 -7.94 -1.25 -9.65
N TYR A 78 -8.55 -2.06 -8.80
CA TYR A 78 -9.49 -3.08 -9.27
C TYR A 78 -10.86 -2.41 -9.25
N GLU A 79 -11.16 -1.76 -10.36
CA GLU A 79 -12.45 -1.08 -10.55
C GLU A 79 -12.90 -1.39 -11.96
N ASP A 80 -14.20 -1.23 -12.20
CA ASP A 80 -14.77 -1.30 -13.54
C ASP A 80 -14.55 0.05 -14.25
N LYS A 81 -13.96 0.00 -15.44
CA LYS A 81 -13.69 1.19 -16.25
C LYS A 81 -14.95 1.98 -16.67
N ASN A 82 -16.11 1.33 -16.61
CA ASN A 82 -17.40 1.99 -16.88
C ASN A 82 -17.85 2.92 -15.75
N ASP A 83 -17.28 2.73 -14.56
CA ASP A 83 -17.61 3.55 -13.40
C ASP A 83 -16.81 4.84 -13.36
N ILE A 84 -15.80 4.93 -14.22
CA ILE A 84 -15.00 6.13 -14.39
C ILE A 84 -15.89 7.22 -15.01
N PRO A 85 -16.10 8.34 -14.27
CA PRO A 85 -16.99 9.41 -14.73
C PRO A 85 -16.53 10.09 -16.02
N LYS A 86 -17.49 10.70 -16.73
CA LYS A 86 -17.22 11.42 -17.98
C LYS A 86 -16.60 12.79 -17.72
N GLU A 87 -17.19 13.56 -16.80
CA GLU A 87 -16.71 14.91 -16.48
C GLU A 87 -15.31 14.89 -15.85
N LYS A 88 -14.44 15.77 -16.34
CA LYS A 88 -13.03 15.81 -15.96
C LYS A 88 -12.78 16.09 -14.48
N ASP A 89 -13.55 17.01 -13.91
CA ASP A 89 -13.42 17.31 -12.47
C ASP A 89 -14.08 16.27 -11.57
N GLU A 90 -15.14 15.64 -12.07
CA GLU A 90 -15.81 14.54 -11.35
C GLU A 90 -14.94 13.29 -11.31
N LYS A 91 -14.01 13.18 -12.27
CA LYS A 91 -13.19 11.98 -12.43
C LYS A 91 -12.13 11.88 -11.33
N ILE A 92 -11.35 12.94 -11.16
CA ILE A 92 -10.33 12.98 -10.11
C ILE A 92 -10.93 12.72 -8.71
N ALA A 93 -12.08 13.35 -8.42
CA ALA A 93 -12.78 13.17 -7.15
C ALA A 93 -13.24 11.74 -6.93
N TRP A 94 -13.59 11.06 -8.03
CA TRP A 94 -13.98 9.66 -7.96
C TRP A 94 -12.76 8.76 -7.78
N ALA A 95 -11.74 8.98 -8.60
CA ALA A 95 -10.54 8.14 -8.62
C ALA A 95 -9.83 8.18 -7.26
N LEU A 96 -9.72 9.37 -6.70
CA LEU A 96 -8.96 9.55 -5.45
C LEU A 96 -9.77 9.29 -4.18
N SER A 97 -11.01 8.83 -4.36
CA SER A 97 -11.83 8.39 -3.25
C SER A 97 -12.03 6.87 -3.27
N ARG A 98 -11.38 6.18 -4.21
CA ARG A 98 -11.40 4.70 -4.22
C ARG A 98 -10.41 4.17 -3.20
N LYS A 99 -10.82 3.18 -2.42
CA LYS A 99 -9.94 2.46 -1.50
C LYS A 99 -8.96 1.61 -2.29
N ALA A 100 -7.78 1.35 -1.73
CA ALA A 100 -6.84 0.37 -2.27
C ALA A 100 -6.37 0.62 -3.71
N THR A 101 -5.88 1.82 -3.95
CA THR A 101 -5.29 2.10 -5.25
C THR A 101 -3.75 2.06 -5.18
N LEU A 102 -3.16 1.86 -6.34
CA LEU A 102 -1.74 1.88 -6.48
C LEU A 102 -1.37 3.12 -7.28
N GLU A 103 -0.52 3.97 -6.69
CA GLU A 103 -0.01 5.17 -7.32
C GLU A 103 1.41 4.89 -7.85
N LEU A 104 1.52 4.84 -9.18
CA LEU A 104 2.81 4.64 -9.82
C LEU A 104 3.37 5.97 -10.33
N THR A 105 4.57 6.29 -9.86
CA THR A 105 5.19 7.59 -10.15
C THR A 105 6.30 7.43 -11.18
N HIS A 106 6.14 8.14 -12.32
CA HIS A 106 7.15 8.20 -13.37
C HIS A 106 7.84 9.56 -13.31
N ASN A 107 9.08 9.58 -12.85
CA ASN A 107 9.93 10.75 -13.00
C ASN A 107 10.52 10.74 -14.40
N TRP A 108 10.15 11.74 -15.20
CA TRP A 108 10.56 11.76 -16.61
C TRP A 108 12.04 11.53 -16.82
N GLY A 109 12.35 10.65 -17.77
CA GLY A 109 13.72 10.41 -18.18
C GLY A 109 14.37 9.16 -17.61
N THR A 110 13.76 8.57 -16.58
CA THR A 110 14.35 7.40 -15.94
C THR A 110 14.46 6.19 -16.87
N GLU A 111 13.53 6.07 -17.82
CA GLU A 111 13.51 4.93 -18.73
C GLU A 111 14.71 4.90 -19.69
N ASP A 112 15.35 6.06 -19.89
CA ASP A 112 16.50 6.19 -20.80
C ASP A 112 17.85 6.26 -20.08
N ASP A 113 17.84 6.13 -18.75
CA ASP A 113 19.06 6.23 -17.95
C ASP A 113 19.52 4.87 -17.41
N GLU A 114 20.61 4.36 -17.99
CA GLU A 114 21.14 3.03 -17.68
C GLU A 114 21.71 2.88 -16.26
N THR A 115 22.10 4.01 -15.65
CA THR A 115 22.67 3.97 -14.31
C THR A 115 21.56 3.97 -13.24
N GLN A 116 20.32 4.22 -13.66
CA GLN A 116 19.19 4.42 -12.73
C GLN A 116 18.35 3.14 -12.49
N SER A 117 17.97 2.92 -11.24
CA SER A 117 16.96 1.92 -10.88
C SER A 117 16.40 2.26 -9.51
N TYR A 118 15.19 1.78 -9.23
CA TYR A 118 14.62 1.94 -7.90
C TYR A 118 14.92 0.76 -6.97
N HIS A 119 14.75 0.96 -5.67
CA HIS A 119 15.05 -0.05 -4.68
C HIS A 119 13.75 -0.65 -4.11
N ASN A 120 13.69 -1.97 -3.99
CA ASN A 120 12.42 -2.64 -3.59
C ASN A 120 12.16 -2.78 -2.08
N GLY A 121 13.12 -2.36 -1.25
CA GLY A 121 12.97 -2.37 0.20
C GLY A 121 13.25 -3.70 0.91
N ASN A 122 13.57 -4.74 0.14
CA ASN A 122 13.76 -6.09 0.70
C ASN A 122 15.22 -6.53 0.87
N SER A 123 16.15 -5.64 0.51
CA SER A 123 17.54 -5.77 0.93
C SER A 123 17.96 -4.43 1.54
N ASP A 124 19.11 -4.40 2.22
CA ASP A 124 19.57 -3.16 2.84
C ASP A 124 19.70 -1.97 1.87
N PRO A 125 19.13 -0.81 2.26
CA PRO A 125 18.38 -0.64 3.51
C PRO A 125 16.89 -1.01 3.37
N ARG A 126 16.37 -1.78 4.33
CA ARG A 126 15.01 -2.31 4.27
C ARG A 126 13.98 -1.32 4.81
N GLY A 127 12.75 -1.45 4.35
CA GLY A 127 11.64 -0.68 4.92
C GLY A 127 10.34 -1.27 4.38
N PHE A 128 9.84 -0.66 3.30
CA PHE A 128 8.72 -1.26 2.56
C PHE A 128 9.02 -2.69 2.17
N GLY A 129 7.99 -3.54 2.17
CA GLY A 129 8.16 -4.95 1.81
C GLY A 129 7.46 -5.36 0.55
N HIS A 130 6.14 -5.19 0.51
CA HIS A 130 5.36 -5.71 -0.62
C HIS A 130 3.97 -5.13 -0.63
N ILE A 131 3.29 -5.30 -1.76
CA ILE A 131 1.83 -5.23 -1.76
C ILE A 131 1.35 -6.68 -1.84
N GLY A 132 0.07 -6.94 -1.54
CA GLY A 132 -0.45 -8.29 -1.63
C GLY A 132 -1.78 -8.31 -2.35
N ILE A 133 -1.98 -9.34 -3.17
CA ILE A 133 -3.22 -9.53 -3.91
C ILE A 133 -3.90 -10.77 -3.37
N ALA A 134 -5.15 -10.61 -2.97
CA ALA A 134 -5.96 -11.78 -2.63
C ALA A 134 -6.62 -12.38 -3.85
N VAL A 135 -6.42 -13.68 -4.03
CA VAL A 135 -6.90 -14.43 -5.21
C VAL A 135 -7.76 -15.63 -4.77
N PRO A 136 -8.65 -16.12 -5.66
CA PRO A 136 -9.44 -17.31 -5.34
C PRO A 136 -8.59 -18.58 -5.26
N ASP A 137 -7.49 -18.64 -6.00
CA ASP A 137 -6.72 -19.86 -6.10
C ASP A 137 -5.27 -19.54 -6.42
N VAL A 138 -4.42 -19.63 -5.40
CA VAL A 138 -3.00 -19.30 -5.52
C VAL A 138 -2.31 -20.17 -6.58
N TYR A 139 -2.61 -21.47 -6.58
CA TYR A 139 -1.91 -22.38 -7.50
C TYR A 139 -2.23 -22.15 -8.99
N SER A 140 -3.50 -21.91 -9.31
CA SER A 140 -3.89 -21.63 -10.69
C SER A 140 -3.43 -20.25 -11.14
N ALA A 141 -3.43 -19.28 -10.22
CA ALA A 141 -2.92 -17.94 -10.56
C ALA A 141 -1.45 -18.03 -10.92
N CYS A 142 -0.69 -18.76 -10.11
CA CYS A 142 0.75 -18.89 -10.31
C CYS A 142 1.11 -19.72 -11.53
N LYS A 143 0.29 -20.73 -11.86
CA LYS A 143 0.47 -21.48 -13.11
C LYS A 143 0.37 -20.54 -14.31
N ARG A 144 -0.62 -19.65 -14.28
CA ARG A 144 -0.74 -18.64 -15.33
C ARG A 144 0.48 -17.71 -15.33
N PHE A 145 0.91 -17.27 -14.13
CA PHE A 145 2.05 -16.36 -14.04
C PHE A 145 3.31 -16.97 -14.68
N GLU A 146 3.55 -18.25 -14.41
CA GLU A 146 4.67 -18.98 -15.02
C GLU A 146 4.57 -18.99 -16.54
N GLU A 147 3.37 -19.30 -17.04
CA GLU A 147 3.08 -19.28 -18.49
C GLU A 147 3.37 -17.92 -19.15
N LEU A 148 3.15 -16.85 -18.38
CA LEU A 148 3.35 -15.49 -18.87
C LEU A 148 4.78 -14.96 -18.68
N GLY A 149 5.67 -15.80 -18.14
CA GLY A 149 7.09 -15.44 -17.97
C GLY A 149 7.32 -14.51 -16.79
N VAL A 150 6.41 -14.52 -15.82
CA VAL A 150 6.56 -13.69 -14.62
C VAL A 150 7.73 -14.19 -13.75
N LYS A 151 8.51 -13.25 -13.21
CA LYS A 151 9.62 -13.57 -12.31
C LYS A 151 9.09 -13.81 -10.90
N PHE A 152 9.44 -14.96 -10.31
CA PHE A 152 9.06 -15.31 -8.94
C PHE A 152 10.16 -15.03 -7.93
N VAL A 153 9.74 -14.61 -6.75
CA VAL A 153 10.58 -14.61 -5.56
C VAL A 153 10.37 -15.90 -4.75
N LYS A 154 9.11 -16.33 -4.65
CA LYS A 154 8.77 -17.55 -3.93
C LYS A 154 7.62 -18.25 -4.64
N LYS A 155 7.86 -19.45 -5.15
CA LYS A 155 6.76 -20.24 -5.71
C LYS A 155 5.91 -20.79 -4.56
N PRO A 156 4.63 -21.10 -4.82
CA PRO A 156 3.72 -21.47 -3.72
C PRO A 156 4.23 -22.59 -2.81
N ASP A 157 4.88 -23.60 -3.39
CA ASP A 157 5.35 -24.76 -2.62
C ASP A 157 6.80 -24.66 -2.15
N ASP A 158 7.44 -23.53 -2.41
CA ASP A 158 8.81 -23.28 -1.96
C ASP A 158 8.86 -22.49 -0.65
N GLY A 159 10.02 -22.52 0.01
CA GLY A 159 10.23 -21.68 1.19
C GLY A 159 9.60 -22.22 2.46
N LYS A 160 9.54 -21.37 3.48
CA LYS A 160 9.15 -21.80 4.83
C LYS A 160 7.69 -22.21 4.95
N MET A 161 6.79 -21.54 4.23
CA MET A 161 5.35 -21.83 4.28
C MET A 161 4.78 -22.09 2.88
N LYS A 162 4.00 -23.16 2.73
CA LYS A 162 3.42 -23.51 1.44
C LYS A 162 2.04 -22.88 1.28
N GLY A 163 1.67 -22.54 0.04
CA GLY A 163 0.33 -22.03 -0.24
C GLY A 163 0.23 -20.53 -0.44
N LEU A 164 1.36 -19.85 -0.29
CA LEU A 164 1.46 -18.41 -0.50
C LEU A 164 2.62 -18.19 -1.47
N ALA A 165 2.49 -17.21 -2.35
CA ALA A 165 3.56 -16.92 -3.32
C ALA A 165 3.98 -15.46 -3.29
N PHE A 166 5.19 -15.18 -3.80
CA PHE A 166 5.65 -13.83 -4.09
C PHE A 166 6.14 -13.75 -5.52
N ILE A 167 5.59 -12.81 -6.27
CA ILE A 167 6.13 -12.47 -7.59
C ILE A 167 6.76 -11.08 -7.56
N GLN A 168 7.39 -10.69 -8.67
CA GLN A 168 7.92 -9.32 -8.78
C GLN A 168 7.48 -8.57 -10.04
N ASP A 169 7.32 -7.27 -9.91
CA ASP A 169 6.93 -6.40 -11.03
C ASP A 169 8.17 -5.95 -11.83
N PRO A 170 7.99 -5.15 -12.90
CA PRO A 170 9.13 -4.77 -13.74
C PRO A 170 10.27 -4.08 -12.99
N ASP A 171 9.95 -3.37 -11.91
CA ASP A 171 10.98 -2.71 -11.08
C ASP A 171 11.56 -3.60 -10.00
N GLY A 172 11.03 -4.80 -9.87
CA GLY A 172 11.48 -5.71 -8.81
C GLY A 172 10.71 -5.60 -7.50
N TYR A 173 9.66 -4.76 -7.46
CA TYR A 173 8.82 -4.70 -6.25
C TYR A 173 8.12 -6.07 -6.06
N TRP A 174 8.10 -6.54 -4.82
CA TRP A 174 7.48 -7.81 -4.44
C TRP A 174 5.97 -7.70 -4.29
N ILE A 175 5.27 -8.71 -4.80
CA ILE A 175 3.81 -8.79 -4.73
C ILE A 175 3.45 -10.17 -4.19
N GLU A 176 2.75 -10.18 -3.05
CA GLU A 176 2.32 -11.40 -2.41
C GLU A 176 1.03 -11.87 -3.08
N ILE A 177 0.88 -13.18 -3.24
CA ILE A 177 -0.30 -13.79 -3.85
C ILE A 177 -0.85 -14.76 -2.79
N LEU A 178 -2.06 -14.48 -2.28
CA LEU A 178 -2.61 -15.20 -1.13
C LEU A 178 -4.09 -15.54 -1.33
N ASN A 179 -4.54 -16.65 -0.75
CA ASN A 179 -5.97 -16.99 -0.75
C ASN A 179 -6.44 -16.93 0.71
N PRO A 180 -7.18 -15.87 1.08
CA PRO A 180 -7.62 -15.67 2.48
C PRO A 180 -8.29 -16.89 3.10
N ASN A 181 -9.00 -17.66 2.30
CA ASN A 181 -9.80 -18.78 2.83
C ASN A 181 -9.00 -20.04 3.19
N LYS A 182 -7.69 -20.00 2.94
CA LYS A 182 -6.82 -21.13 3.24
C LYS A 182 -5.64 -20.73 4.11
N MET A 183 -5.59 -19.46 4.52
CA MET A 183 -4.46 -18.94 5.30
C MET A 183 -4.40 -19.55 6.69
N ALA A 184 -5.57 -19.82 7.27
CA ALA A 184 -5.65 -20.35 8.63
C ALA A 184 -5.07 -21.75 8.75
N THR A 185 -5.03 -22.45 7.62
CA THR A 185 -4.62 -23.87 7.59
C THR A 185 -3.23 -24.12 6.97
N LEU A 186 -2.46 -23.07 6.76
CA LEU A 186 -1.09 -23.23 6.27
C LEU A 186 -0.17 -23.57 7.44
N GLY B 12 10.24 13.39 -21.88
CA GLY B 12 8.83 13.84 -21.78
C GLY B 12 7.95 12.76 -21.16
N GLY B 13 6.74 13.15 -20.79
CA GLY B 13 5.77 12.20 -20.26
C GLY B 13 5.03 11.51 -21.40
N LEU B 14 4.35 10.42 -21.09
CA LEU B 14 3.48 9.75 -22.07
C LEU B 14 2.24 10.60 -22.31
N THR B 15 1.78 10.65 -23.56
CA THR B 15 0.45 11.15 -23.84
C THR B 15 -0.62 10.19 -23.29
N ASP B 16 -1.82 10.71 -23.07
CA ASP B 16 -2.94 9.89 -22.58
C ASP B 16 -3.13 8.66 -23.49
N GLU B 17 -3.05 8.89 -24.81
CA GLU B 17 -3.21 7.82 -25.79
C GLU B 17 -2.10 6.79 -25.70
N ALA B 18 -0.86 7.25 -25.49
CA ALA B 18 0.28 6.36 -25.37
C ALA B 18 0.17 5.47 -24.14
N ALA B 19 -0.27 6.06 -23.02
CA ALA B 19 -0.52 5.32 -21.78
C ALA B 19 -1.55 4.21 -21.98
N LEU B 20 -2.72 4.59 -22.49
CA LEU B 20 -3.80 3.65 -22.82
C LEU B 20 -3.35 2.49 -23.70
N SER B 21 -2.49 2.74 -24.70
CA SER B 21 -2.01 1.67 -25.58
C SER B 21 -1.16 0.62 -24.84
N CYS B 22 -0.71 0.97 -23.64
CA CYS B 22 0.07 0.03 -22.84
C CYS B 22 -0.81 -0.81 -21.93
N CYS B 23 -2.08 -0.46 -21.83
CA CYS B 23 -3.01 -1.14 -20.94
C CYS B 23 -3.77 -2.26 -21.65
N SER B 24 -4.06 -3.34 -20.93
CA SER B 24 -4.90 -4.43 -21.45
C SER B 24 -6.14 -4.59 -20.60
N ASP B 25 -7.20 -5.16 -21.19
CA ASP B 25 -8.42 -5.44 -20.46
C ASP B 25 -8.15 -6.58 -19.47
N ALA B 26 -8.90 -6.60 -18.38
CA ALA B 26 -8.76 -7.63 -17.35
C ALA B 26 -9.03 -9.05 -17.88
N ASP B 27 -8.01 -9.91 -17.85
CA ASP B 27 -8.21 -11.32 -18.17
C ASP B 27 -9.26 -11.94 -17.21
N PRO B 28 -10.13 -12.85 -17.73
CA PRO B 28 -11.16 -13.42 -16.83
C PRO B 28 -10.63 -14.16 -15.60
N SER B 29 -9.41 -14.71 -15.70
CA SER B 29 -8.76 -15.41 -14.58
C SER B 29 -8.40 -14.48 -13.41
N THR B 30 -8.31 -13.18 -13.69
CA THR B 30 -8.04 -12.20 -12.64
C THR B 30 -9.34 -11.72 -12.02
N LYS B 31 -10.43 -12.40 -12.38
CA LYS B 31 -11.72 -12.14 -11.79
C LYS B 31 -11.60 -12.31 -10.28
N ASP B 32 -12.09 -11.30 -9.59
CA ASP B 32 -12.25 -11.31 -8.15
C ASP B 32 -10.95 -11.00 -7.40
N PHE B 33 -9.87 -10.73 -8.14
CA PHE B 33 -8.61 -10.28 -7.50
C PHE B 33 -8.89 -8.97 -6.77
N LEU B 34 -8.30 -8.79 -5.59
CA LEU B 34 -8.36 -7.50 -4.89
C LEU B 34 -7.01 -7.10 -4.30
N LEU B 35 -6.81 -5.80 -4.14
CA LEU B 35 -5.55 -5.31 -3.54
C LEU B 35 -5.72 -5.29 -2.03
N GLN B 36 -5.05 -6.22 -1.35
CA GLN B 36 -5.42 -6.60 0.02
C GLN B 36 -4.57 -5.90 1.09
N GLN B 37 -3.28 -5.79 0.80
CA GLN B 37 -2.33 -5.33 1.82
C GLN B 37 -1.17 -4.53 1.25
N THR B 38 -0.60 -3.68 2.11
CA THR B 38 0.67 -3.03 1.89
C THR B 38 1.49 -3.32 3.15
N MET B 39 2.68 -3.90 3.00
CA MET B 39 3.52 -4.25 4.15
C MET B 39 4.64 -3.25 4.38
N LEU B 40 4.76 -2.77 5.63
CA LEU B 40 5.87 -1.92 6.10
C LEU B 40 6.52 -2.58 7.30
N ARG B 41 7.85 -2.59 7.33
CA ARG B 41 8.56 -3.06 8.53
C ARG B 41 8.61 -1.96 9.60
N VAL B 42 8.33 -2.34 10.84
CA VAL B 42 8.30 -1.39 11.97
C VAL B 42 9.29 -1.79 13.06
N LYS B 43 10.04 -0.80 13.54
CA LYS B 43 11.06 -1.06 14.58
C LYS B 43 10.43 -1.46 15.93
N ASP B 44 9.39 -0.74 16.32
CA ASP B 44 8.79 -0.91 17.64
C ASP B 44 7.28 -1.00 17.51
N PRO B 45 6.72 -2.20 17.72
CA PRO B 45 5.30 -2.36 17.49
C PRO B 45 4.43 -1.56 18.48
N LYS B 46 4.89 -1.37 19.73
CA LYS B 46 4.14 -0.55 20.69
C LYS B 46 3.90 0.88 20.16
N LYS B 47 4.96 1.49 19.61
CA LYS B 47 4.86 2.87 19.10
C LYS B 47 3.97 2.92 17.87
N SER B 48 4.14 1.96 16.96
CA SER B 48 3.40 1.94 15.70
C SER B 48 1.90 1.69 15.94
N LEU B 49 1.59 0.75 16.83
CA LEU B 49 0.18 0.46 17.11
C LEU B 49 -0.53 1.69 17.68
N ASP B 50 0.12 2.38 18.61
CA ASP B 50 -0.42 3.62 19.16
C ASP B 50 -0.66 4.64 18.05
N PHE B 51 0.31 4.81 17.17
CA PHE B 51 0.14 5.78 16.09
C PHE B 51 -1.03 5.46 15.17
N TYR B 52 -1.01 4.26 14.60
CA TYR B 52 -2.05 3.93 13.63
C TYR B 52 -3.47 3.85 14.22
N THR B 53 -3.60 3.47 15.49
CA THR B 53 -4.93 3.38 16.11
C THR B 53 -5.39 4.70 16.74
N ARG B 54 -4.58 5.27 17.62
CA ARG B 54 -4.95 6.52 18.30
C ARG B 54 -4.86 7.75 17.38
N VAL B 55 -3.78 7.86 16.61
CA VAL B 55 -3.64 9.03 15.73
C VAL B 55 -4.49 8.92 14.46
N LEU B 56 -4.34 7.82 13.72
CA LEU B 56 -5.03 7.70 12.43
C LEU B 56 -6.41 7.02 12.45
N GLY B 57 -6.78 6.44 13.58
CA GLY B 57 -8.13 5.82 13.70
C GLY B 57 -8.31 4.47 13.01
N MET B 58 -7.20 3.77 12.77
CA MET B 58 -7.29 2.43 12.19
C MET B 58 -7.54 1.44 13.32
N THR B 59 -7.97 0.24 12.97
CA THR B 59 -8.28 -0.82 13.93
C THR B 59 -7.34 -2.02 13.70
N LEU B 60 -6.83 -2.60 14.80
CA LEU B 60 -6.04 -3.83 14.73
C LEU B 60 -6.99 -5.02 14.53
N ILE B 61 -6.99 -5.57 13.32
CA ILE B 61 -7.94 -6.63 12.97
C ILE B 61 -7.38 -8.04 13.11
N GLN B 62 -6.06 -8.18 13.05
CA GLN B 62 -5.40 -9.46 13.20
C GLN B 62 -3.94 -9.31 13.63
N LYS B 63 -3.53 -10.14 14.60
CA LYS B 63 -2.15 -10.26 15.02
C LYS B 63 -1.70 -11.70 14.83
N CYS B 64 -0.63 -11.92 14.04
CA CYS B 64 -0.06 -13.26 13.84
C CYS B 64 1.37 -13.34 14.35
N ASP B 65 1.65 -14.39 15.11
CA ASP B 65 2.97 -14.61 15.67
C ASP B 65 3.59 -15.88 15.11
N PHE B 66 4.89 -15.80 14.83
CA PHE B 66 5.62 -16.93 14.27
C PHE B 66 6.90 -17.11 15.09
N PRO B 67 6.83 -17.90 16.18
CA PRO B 67 7.95 -17.98 17.13
C PRO B 67 9.25 -18.58 16.57
N ILE B 68 9.14 -19.57 15.69
CA ILE B 68 10.34 -20.16 15.10
C ILE B 68 11.08 -19.10 14.28
N MET B 69 10.34 -18.37 13.46
CA MET B 69 10.89 -17.40 12.51
C MET B 69 11.14 -16.02 13.16
N LYS B 70 10.64 -15.87 14.38
CA LYS B 70 10.87 -14.70 15.26
C LYS B 70 10.38 -13.39 14.62
N PHE B 71 9.12 -13.40 14.23
CA PHE B 71 8.46 -12.19 13.78
C PHE B 71 6.96 -12.20 14.08
N SER B 72 6.38 -11.00 14.07
CA SER B 72 4.94 -10.85 14.25
C SER B 72 4.40 -10.01 13.09
N LEU B 73 3.15 -10.27 12.70
CA LEU B 73 2.48 -9.41 11.71
C LEU B 73 1.28 -8.76 12.41
N TYR B 74 1.13 -7.45 12.20
CA TYR B 74 -0.03 -6.74 12.72
C TYR B 74 -0.82 -6.18 11.54
N PHE B 75 -2.07 -6.61 11.39
CA PHE B 75 -2.91 -6.10 10.31
C PHE B 75 -3.84 -4.99 10.79
N LEU B 76 -3.66 -3.81 10.21
CA LEU B 76 -4.42 -2.62 10.56
C LEU B 76 -5.33 -2.23 9.39
N ALA B 77 -6.56 -1.81 9.70
CA ALA B 77 -7.49 -1.44 8.66
C ALA B 77 -8.55 -0.47 9.18
N TYR B 78 -9.16 0.28 8.27
CA TYR B 78 -10.36 1.07 8.62
C TYR B 78 -11.59 0.14 8.57
N GLU B 79 -11.79 -0.54 9.68
CA GLU B 79 -12.89 -1.48 9.87
C GLU B 79 -13.46 -1.28 11.26
N ASP B 80 -14.75 -1.56 11.38
CA ASP B 80 -15.45 -1.49 12.64
C ASP B 80 -15.04 -2.69 13.49
N LYS B 81 -14.52 -2.43 14.69
CA LYS B 81 -14.07 -3.51 15.59
C LYS B 81 -15.17 -4.56 15.86
N ASN B 82 -16.42 -4.14 15.72
CA ASN B 82 -17.58 -5.05 15.92
C ASN B 82 -17.77 -6.11 14.82
N ASP B 83 -17.07 -5.92 13.70
CA ASP B 83 -17.13 -6.86 12.58
C ASP B 83 -16.05 -7.94 12.67
N ILE B 84 -15.14 -7.79 13.62
CA ILE B 84 -14.10 -8.80 13.84
C ILE B 84 -14.76 -10.07 14.37
N PRO B 85 -14.62 -11.20 13.64
CA PRO B 85 -15.16 -12.48 14.10
C PRO B 85 -14.55 -12.93 15.41
N LYS B 86 -15.31 -13.72 16.16
CA LYS B 86 -14.89 -14.23 17.47
C LYS B 86 -13.92 -15.41 17.35
N GLU B 87 -14.20 -16.35 16.43
CA GLU B 87 -13.42 -17.58 16.27
C GLU B 87 -12.10 -17.33 15.52
N LYS B 88 -11.05 -18.03 15.94
CA LYS B 88 -9.68 -17.85 15.45
C LYS B 88 -9.50 -18.02 13.92
N ASP B 89 -10.03 -19.12 13.38
CA ASP B 89 -9.92 -19.40 11.94
C ASP B 89 -10.79 -18.48 11.08
N GLU B 90 -12.01 -18.24 11.54
CA GLU B 90 -12.92 -17.32 10.86
C GLU B 90 -12.34 -15.90 10.85
N LYS B 91 -11.61 -15.56 11.90
CA LYS B 91 -10.98 -14.25 12.04
C LYS B 91 -9.89 -14.00 10.99
N ILE B 92 -9.00 -14.97 10.80
CA ILE B 92 -7.94 -14.86 9.79
C ILE B 92 -8.52 -14.69 8.38
N ALA B 93 -9.47 -15.55 7.99
CA ALA B 93 -10.12 -15.45 6.68
C ALA B 93 -10.80 -14.09 6.42
N TRP B 94 -11.39 -13.52 7.47
CA TRP B 94 -12.06 -12.24 7.37
C TRP B 94 -11.02 -11.11 7.23
N ALA B 95 -10.00 -11.12 8.08
CA ALA B 95 -9.04 -10.02 8.11
C ALA B 95 -8.22 -9.98 6.82
N LEU B 96 -7.81 -11.15 6.34
CA LEU B 96 -6.97 -11.24 5.13
C LEU B 96 -7.78 -11.16 3.82
N SER B 97 -9.10 -10.98 3.93
CA SER B 97 -9.91 -10.68 2.75
C SER B 97 -10.43 -9.25 2.73
N ARG B 98 -10.02 -8.42 3.69
CA ARG B 98 -10.36 -6.99 3.69
C ARG B 98 -9.52 -6.24 2.66
N LYS B 99 -10.15 -5.33 1.90
CA LYS B 99 -9.39 -4.48 0.99
C LYS B 99 -8.60 -3.44 1.81
N ALA B 100 -7.48 -2.97 1.27
CA ALA B 100 -6.78 -1.81 1.83
C ALA B 100 -6.33 -1.97 3.29
N THR B 101 -5.67 -3.08 3.60
CA THR B 101 -5.06 -3.24 4.92
C THR B 101 -3.61 -2.83 4.95
N LEU B 102 -3.12 -2.51 6.14
CA LEU B 102 -1.71 -2.21 6.33
C LEU B 102 -1.11 -3.32 7.19
N GLU B 103 -0.07 -3.96 6.68
CA GLU B 103 0.59 -5.06 7.38
C GLU B 103 1.89 -4.52 7.97
N LEU B 104 1.96 -4.48 9.29
CA LEU B 104 3.14 -4.03 9.99
C LEU B 104 3.95 -5.24 10.45
N THR B 105 5.21 -5.33 10.01
CA THR B 105 6.04 -6.50 10.35
C THR B 105 7.02 -6.15 11.44
N HIS B 106 6.97 -6.89 12.55
CA HIS B 106 7.91 -6.73 13.66
C HIS B 106 8.87 -7.91 13.66
N ASN B 107 10.11 -7.66 13.24
CA ASN B 107 11.18 -8.62 13.42
C ASN B 107 11.69 -8.49 14.85
N TRP B 108 11.57 -9.57 15.61
CA TRP B 108 11.82 -9.50 17.03
C TRP B 108 13.23 -9.02 17.35
N GLY B 109 13.34 -8.15 18.34
CA GLY B 109 14.64 -7.62 18.75
C GLY B 109 14.98 -6.23 18.24
N THR B 110 14.31 -5.76 17.19
CA THR B 110 14.73 -4.49 16.55
C THR B 110 14.59 -3.32 17.49
N GLU B 111 13.57 -3.37 18.34
CA GLU B 111 13.27 -2.29 19.29
C GLU B 111 14.37 -2.10 20.34
N ASP B 112 15.22 -3.11 20.50
CA ASP B 112 16.34 -3.06 21.49
C ASP B 112 17.70 -2.72 20.87
N ASP B 113 17.74 -2.67 19.54
CA ASP B 113 18.96 -2.40 18.79
C ASP B 113 19.12 -0.92 18.41
N GLU B 114 19.97 -0.21 19.15
CA GLU B 114 20.12 1.23 18.97
C GLU B 114 20.69 1.64 17.61
N THR B 115 21.39 0.74 16.94
CA THR B 115 22.01 1.04 15.64
C THR B 115 21.08 0.70 14.45
N GLN B 116 19.92 0.15 14.75
CA GLN B 116 18.97 -0.31 13.72
C GLN B 116 17.87 0.72 13.48
N SER B 117 17.52 0.90 12.21
CA SER B 117 16.33 1.66 11.80
C SER B 117 15.91 1.22 10.40
N TYR B 118 14.65 1.45 10.05
CA TYR B 118 14.21 1.15 8.70
C TYR B 118 14.28 2.41 7.83
N HIS B 119 14.19 2.24 6.51
CA HIS B 119 14.38 3.30 5.52
C HIS B 119 13.05 3.62 4.85
N ASN B 120 12.73 4.89 4.75
CA ASN B 120 11.40 5.25 4.24
C ASN B 120 11.23 5.38 2.72
N GLY B 121 12.29 5.12 1.96
CA GLY B 121 12.19 5.16 0.50
C GLY B 121 12.22 6.55 -0.11
N ASN B 122 12.34 7.59 0.73
CA ASN B 122 12.32 8.99 0.24
C ASN B 122 13.66 9.73 0.14
N SER B 123 14.72 8.98 0.39
CA SER B 123 16.09 9.45 0.12
C SER B 123 16.81 8.26 -0.52
N ASP B 124 17.99 8.50 -1.09
CA ASP B 124 18.70 7.44 -1.79
C ASP B 124 18.99 6.27 -0.85
N PRO B 125 18.67 5.03 -1.27
CA PRO B 125 18.02 4.67 -2.54
C PRO B 125 16.50 4.76 -2.46
N ARG B 126 15.89 5.41 -3.45
CA ARG B 126 14.44 5.61 -3.43
C ARG B 126 13.69 4.44 -4.05
N GLY B 127 12.41 4.32 -3.68
CA GLY B 127 11.52 3.31 -4.27
C GLY B 127 10.09 3.55 -3.88
N PHE B 128 9.60 2.80 -2.88
CA PHE B 128 8.35 3.14 -2.18
C PHE B 128 8.42 4.60 -1.73
N GLY B 129 7.30 5.32 -1.81
CA GLY B 129 7.26 6.72 -1.37
C GLY B 129 6.37 6.97 -0.15
N HIS B 130 5.13 6.49 -0.23
CA HIS B 130 4.15 6.82 0.81
C HIS B 130 2.90 5.96 0.71
N ILE B 131 2.17 5.88 1.82
CA ILE B 131 0.75 5.51 1.77
C ILE B 131 -0.03 6.81 1.89
N GLY B 132 -1.31 6.79 1.53
CA GLY B 132 -2.10 8.03 1.55
C GLY B 132 -3.48 7.75 2.11
N ILE B 133 -3.95 8.67 2.96
CA ILE B 133 -5.25 8.54 3.63
C ILE B 133 -6.15 9.64 3.08
N ALA B 134 -7.29 9.25 2.51
CA ALA B 134 -8.34 10.20 2.10
C ALA B 134 -9.19 10.62 3.29
N VAL B 135 -9.35 11.93 3.47
CA VAL B 135 -10.05 12.52 4.59
C VAL B 135 -11.10 13.52 4.07
N PRO B 136 -12.14 13.79 4.88
CA PRO B 136 -13.18 14.79 4.54
C PRO B 136 -12.63 16.21 4.46
N ASP B 137 -11.64 16.52 5.30
CA ASP B 137 -11.08 17.86 5.39
C ASP B 137 -9.63 17.83 5.88
N VAL B 138 -8.70 18.17 4.98
CA VAL B 138 -7.26 18.15 5.25
C VAL B 138 -6.90 19.10 6.41
N TYR B 139 -7.56 20.26 6.47
CA TYR B 139 -7.25 21.28 7.49
C TYR B 139 -7.63 20.86 8.93
N SER B 140 -8.85 20.38 9.13
CA SER B 140 -9.24 19.92 10.47
C SER B 140 -8.48 18.65 10.90
N ALA B 141 -8.22 17.74 9.96
CA ALA B 141 -7.44 16.53 10.25
C ALA B 141 -6.03 16.92 10.75
N CYS B 142 -5.41 17.85 10.05
CA CYS B 142 -4.04 18.26 10.40
C CYS B 142 -3.97 19.14 11.65
N LYS B 143 -5.02 19.92 11.88
CA LYS B 143 -5.12 20.67 13.12
C LYS B 143 -5.05 19.72 14.31
N ARG B 144 -5.81 18.62 14.26
CA ARG B 144 -5.77 17.59 15.29
C ARG B 144 -4.38 16.89 15.36
N PHE B 145 -3.79 16.59 14.20
CA PHE B 145 -2.43 16.00 14.17
C PHE B 145 -1.42 16.89 14.92
N GLU B 146 -1.52 18.20 14.70
CA GLU B 146 -0.68 19.18 15.41
C GLU B 146 -0.88 19.14 16.94
N GLU B 147 -2.13 19.11 17.37
CA GLU B 147 -2.45 19.03 18.80
C GLU B 147 -1.92 17.73 19.44
N LEU B 148 -1.77 16.67 18.64
CA LEU B 148 -1.27 15.39 19.11
C LEU B 148 0.25 15.25 18.96
N GLY B 149 0.90 16.30 18.48
CA GLY B 149 2.36 16.33 18.34
C GLY B 149 2.93 15.46 17.23
N VAL B 150 2.14 15.23 16.18
CA VAL B 150 2.56 14.48 14.99
C VAL B 150 3.64 15.24 14.20
N LYS B 151 4.63 14.52 13.69
CA LYS B 151 5.69 15.12 12.87
C LYS B 151 5.19 15.33 11.43
N PHE B 152 5.37 16.54 10.92
CA PHE B 152 4.97 16.87 9.56
C PHE B 152 6.14 16.98 8.61
N VAL B 153 6.04 16.34 7.46
CA VAL B 153 6.93 16.58 6.30
C VAL B 153 6.47 17.82 5.51
N LYS B 154 5.16 17.97 5.39
CA LYS B 154 4.56 19.10 4.67
C LYS B 154 3.21 19.45 5.31
N LYS B 155 3.05 20.67 5.80
CA LYS B 155 1.75 21.11 6.29
C LYS B 155 0.84 21.47 5.10
N PRO B 156 -0.50 21.45 5.32
CA PRO B 156 -1.44 21.59 4.20
C PRO B 156 -1.11 22.73 3.22
N ASP B 157 -0.78 23.91 3.76
CA ASP B 157 -0.55 25.08 2.90
C ASP B 157 0.92 25.44 2.64
N ASP B 158 1.83 24.53 3.00
CA ASP B 158 3.25 24.71 2.69
C ASP B 158 3.58 24.43 1.23
N GLY B 159 4.37 25.30 0.61
CA GLY B 159 4.79 25.13 -0.78
C GLY B 159 3.67 25.40 -1.78
N LYS B 160 3.90 24.99 -3.03
CA LYS B 160 3.00 25.26 -4.15
C LYS B 160 1.63 24.61 -4.06
N MET B 161 1.59 23.33 -3.68
CA MET B 161 0.31 22.61 -3.66
C MET B 161 -0.47 22.81 -2.36
N LYS B 162 -1.54 23.58 -2.45
CA LYS B 162 -2.33 23.90 -1.27
C LYS B 162 -3.33 22.80 -0.97
N GLY B 163 -3.56 22.55 0.32
CA GLY B 163 -4.61 21.63 0.76
C GLY B 163 -4.21 20.16 0.71
N LEU B 164 -2.90 19.91 0.78
CA LEU B 164 -2.36 18.55 0.72
C LEU B 164 -1.20 18.46 1.73
N ALA B 165 -1.20 17.43 2.58
CA ALA B 165 -0.17 17.32 3.63
C ALA B 165 0.59 16.00 3.59
N PHE B 166 1.79 15.98 4.19
CA PHE B 166 2.49 14.73 4.46
C PHE B 166 2.88 14.70 5.93
N ILE B 167 2.51 13.64 6.62
CA ILE B 167 2.96 13.43 8.01
C ILE B 167 3.87 12.20 8.04
N GLN B 168 4.50 11.96 9.16
CA GLN B 168 5.22 10.69 9.25
C GLN B 168 4.91 9.84 10.47
N ASP B 169 5.04 8.52 10.33
CA ASP B 169 4.79 7.59 11.42
C ASP B 169 6.06 7.45 12.28
N PRO B 170 6.00 6.60 13.35
CA PRO B 170 7.15 6.47 14.25
C PRO B 170 8.44 5.97 13.58
N ASP B 171 8.36 5.22 12.48
CA ASP B 171 9.57 4.79 11.73
C ASP B 171 10.02 5.81 10.69
N GLY B 172 9.22 6.85 10.50
CA GLY B 172 9.52 7.88 9.51
C GLY B 172 8.91 7.69 8.13
N TYR B 173 8.05 6.68 7.98
CA TYR B 173 7.34 6.48 6.71
C TYR B 173 6.42 7.67 6.48
N TRP B 174 6.35 8.14 5.24
CA TRP B 174 5.48 9.26 4.85
C TRP B 174 4.05 8.81 4.60
N ILE B 175 3.11 9.61 5.10
CA ILE B 175 1.69 9.37 4.91
C ILE B 175 1.06 10.64 4.36
N GLU B 176 0.52 10.52 3.15
CA GLU B 176 -0.18 11.61 2.51
C GLU B 176 -1.55 11.77 3.13
N ILE B 177 -1.96 13.01 3.33
CA ILE B 177 -3.30 13.34 3.81
C ILE B 177 -3.95 14.20 2.72
N LEU B 178 -4.98 13.67 2.07
CA LEU B 178 -5.56 14.30 0.88
C LEU B 178 -7.08 14.32 0.98
N ASN B 179 -7.69 15.31 0.32
CA ASN B 179 -9.15 15.39 0.21
C ASN B 179 -9.46 15.27 -1.29
N PRO B 180 -9.98 14.11 -1.74
CA PRO B 180 -10.24 13.94 -3.17
C PRO B 180 -11.23 14.97 -3.74
N ASN B 181 -12.07 15.54 -2.88
CA ASN B 181 -13.04 16.57 -3.30
C ASN B 181 -12.41 17.93 -3.55
N LYS B 182 -11.22 18.16 -2.99
CA LYS B 182 -10.55 19.45 -3.09
C LYS B 182 -9.09 19.28 -3.53
N MET B 183 -8.89 18.65 -4.68
CA MET B 183 -7.56 18.55 -5.27
C MET B 183 -7.37 19.76 -6.19
N ALA B 184 -6.16 20.31 -6.22
CA ALA B 184 -5.83 21.41 -7.15
C ALA B 184 -6.00 20.96 -8.60
N THR B 185 -6.23 21.91 -9.51
CA THR B 185 -6.45 21.60 -10.93
C THR B 185 -5.14 21.18 -11.61
N LEU B 186 -5.26 20.36 -12.65
CA LEU B 186 -4.11 19.84 -13.39
C LEU B 186 -3.79 20.68 -14.62
#